data_7UGJ
#
_entry.id   7UGJ
#
_cell.length_a   1.00
_cell.length_b   1.00
_cell.length_c   1.00
_cell.angle_alpha   90.00
_cell.angle_beta   90.00
_cell.angle_gamma   90.00
#
_symmetry.space_group_name_H-M   'P 1'
#
loop_
_entity.id
_entity.type
_entity.pdbx_description
1 polymer 'Glutamate transporter homolog'
2 non-polymer '(3S)-3-(BENZYLOXY)-L-ASPARTIC ACID'
3 non-polymer 'SODIUM ION'
#
_entity_poly.entity_id   1
_entity_poly.type   'polypeptide(L)'
_entity_poly.pdbx_seq_one_letter_code
;MGLYRKYIEYPVLQKILIGLILGAIVGLILGHYGYAHAVHTYVKPFGDLFVRLLKMLVMPIVFASLVVGAASISPARLGR
VGVKIVVYYLLTSAFAVTLGIIMARLFNPGAGIHLAVGGQQFQPHQAPPLVHILLDIVPTNPFGALANGQVLPTIFFAII
LGIAITYLMNSENEKVRKSAETLLDAINGLAEAMYKIVNGVMQYAPIGVFALIAHVMAHQGVHVVGELAKVTAAVYVGLT
LQILLVYFVLLKIYGIDPISFIKHAKDAMLTAFVTSSSSGTLPVTMRVAKEMGISEGIYSFTLPLGATINMDGTALYQGV
ATFFIANALGSHLTVGQQLTIVLTAVLASIGTAGVPGAGAIMLAMVLHSVGLPLTDPNVAAAYA(EFC)ILGIDAILDRG
RTMVNVTGDLTGTAIVAKTEGT
;
_entity_poly.pdbx_strand_id   A
#
loop_
_chem_comp.id
_chem_comp.type
_chem_comp.name
_chem_comp.formula
NA non-polymer 'SODIUM ION' 'Na 1'
TB1 non-polymer '(3S)-3-(BENZYLOXY)-L-ASPARTIC ACID' 'C11 H13 N O5'
#
# COMPACT_ATOMS: atom_id res chain seq x y z
N GLY A 2 7.48 25.36 -28.79
CA GLY A 2 6.20 25.32 -29.48
C GLY A 2 5.17 24.47 -28.78
N LEU A 3 4.98 23.24 -29.26
CA LEU A 3 3.99 22.34 -28.69
C LEU A 3 4.39 21.82 -27.32
N TYR A 4 5.62 22.09 -26.86
CA TYR A 4 6.03 21.66 -25.54
C TYR A 4 5.18 22.31 -24.46
N ARG A 5 4.86 23.60 -24.63
CA ARG A 5 4.05 24.29 -23.64
C ARG A 5 2.64 23.69 -23.57
N LYS A 6 2.00 23.47 -24.72
CA LYS A 6 0.61 23.05 -24.73
C LYS A 6 0.42 21.75 -23.97
N TYR A 7 1.43 20.90 -23.94
CA TYR A 7 1.38 19.70 -23.10
C TYR A 7 1.28 20.06 -21.62
N ILE A 8 1.85 21.20 -21.23
CA ILE A 8 1.94 21.54 -19.81
C ILE A 8 0.60 22.03 -19.26
N GLU A 9 -0.04 22.99 -19.94
CA GLU A 9 -1.26 23.58 -19.37
C GLU A 9 -2.40 22.58 -19.34
N TYR A 10 -2.33 21.54 -20.18
CA TYR A 10 -3.37 20.53 -20.16
C TYR A 10 -3.43 19.86 -18.80
N PRO A 11 -4.61 19.58 -18.27
CA PRO A 11 -4.70 18.98 -16.92
C PRO A 11 -3.95 17.65 -16.86
N VAL A 12 -3.29 17.44 -15.72
CA VAL A 12 -2.45 16.26 -15.56
C VAL A 12 -3.31 15.00 -15.49
N LEU A 13 -4.41 15.06 -14.72
CA LEU A 13 -5.22 13.87 -14.50
C LEU A 13 -5.82 13.34 -15.80
N GLN A 14 -6.29 14.23 -16.67
CA GLN A 14 -6.83 13.79 -17.95
C GLN A 14 -5.77 13.11 -18.80
N LYS A 15 -4.52 13.58 -18.72
CA LYS A 15 -3.44 12.94 -19.47
C LYS A 15 -3.17 11.53 -18.98
N ILE A 16 -3.33 11.31 -17.67
CA ILE A 16 -3.13 9.97 -17.13
C ILE A 16 -4.19 9.01 -17.67
N LEU A 17 -5.45 9.46 -17.71
CA LEU A 17 -6.52 8.60 -18.20
C LEU A 17 -6.31 8.23 -19.66
N ILE A 18 -5.80 9.15 -20.47
CA ILE A 18 -5.51 8.84 -21.87
C ILE A 18 -4.47 7.74 -21.96
N GLY A 19 -3.41 7.83 -21.15
CA GLY A 19 -2.40 6.79 -21.16
C GLY A 19 -2.90 5.47 -20.63
N LEU A 20 -3.71 5.50 -19.57
CA LEU A 20 -4.21 4.26 -18.97
C LEU A 20 -5.10 3.49 -19.93
N ILE A 21 -6.02 4.19 -20.59
CA ILE A 21 -6.92 3.52 -21.53
C ILE A 21 -6.15 3.02 -22.75
N LEU A 22 -5.23 3.84 -23.27
CA LEU A 22 -4.44 3.42 -24.42
C LEU A 22 -3.54 2.25 -24.08
N GLY A 23 -2.98 2.23 -22.87
CA GLY A 23 -2.10 1.15 -22.50
C GLY A 23 -2.78 -0.20 -22.47
N ALA A 24 -4.00 -0.24 -21.93
CA ALA A 24 -4.75 -1.50 -21.89
C ALA A 24 -5.15 -1.95 -23.29
N ILE A 25 -5.57 -1.01 -24.14
CA ILE A 25 -6.00 -1.36 -25.49
C ILE A 25 -4.82 -1.86 -26.32
N VAL A 26 -3.71 -1.12 -26.30
CA VAL A 26 -2.55 -1.52 -27.10
C VAL A 26 -1.94 -2.80 -26.56
N GLY A 27 -1.96 -2.99 -25.23
CA GLY A 27 -1.38 -4.19 -24.66
C GLY A 27 -2.07 -5.46 -25.09
N LEU A 28 -3.40 -5.44 -25.15
CA LEU A 28 -4.14 -6.62 -25.58
C LEU A 28 -3.89 -6.92 -27.06
N ILE A 29 -3.81 -5.89 -27.90
CA ILE A 29 -3.64 -6.11 -29.34
C ILE A 29 -2.29 -6.75 -29.62
N LEU A 30 -1.23 -6.22 -29.02
CA LEU A 30 0.11 -6.76 -29.28
C LEU A 30 0.25 -8.15 -28.71
N GLY A 31 -0.37 -8.42 -27.55
CA GLY A 31 -0.32 -9.75 -26.97
C GLY A 31 -1.01 -10.80 -27.81
N HIS A 32 -2.10 -10.43 -28.48
CA HIS A 32 -2.82 -11.38 -29.32
C HIS A 32 -1.97 -11.83 -30.52
N TYR A 33 -1.22 -10.89 -31.11
CA TYR A 33 -0.41 -11.20 -32.29
C TYR A 33 1.00 -11.63 -31.93
N GLY A 34 1.25 -12.01 -30.68
CA GLY A 34 2.54 -12.54 -30.29
C GLY A 34 3.71 -11.59 -30.38
N TYR A 35 3.53 -10.34 -29.94
CA TYR A 35 4.60 -9.35 -29.90
C TYR A 35 4.97 -8.98 -28.47
N ALA A 36 4.87 -9.94 -27.54
CA ALA A 36 5.16 -9.67 -26.14
C ALA A 36 6.63 -9.32 -25.94
N HIS A 37 7.54 -9.95 -26.68
CA HIS A 37 8.96 -9.68 -26.52
C HIS A 37 9.30 -8.24 -26.92
N ALA A 38 8.62 -7.70 -27.94
CA ALA A 38 8.86 -6.32 -28.34
C ALA A 38 8.48 -5.34 -27.23
N VAL A 39 7.35 -5.60 -26.57
CA VAL A 39 6.92 -4.73 -25.47
C VAL A 39 7.91 -4.82 -24.31
N HIS A 40 8.37 -6.04 -23.99
CA HIS A 40 9.28 -6.23 -22.87
C HIS A 40 10.61 -5.54 -23.12
N THR A 41 11.11 -5.58 -24.35
CA THR A 41 12.45 -5.07 -24.63
C THR A 41 12.50 -3.55 -24.62
N TYR A 42 11.50 -2.90 -25.22
CA TYR A 42 11.55 -1.46 -25.46
C TYR A 42 10.53 -0.65 -24.67
N VAL A 43 9.28 -1.12 -24.60
CA VAL A 43 8.26 -0.35 -23.91
C VAL A 43 8.49 -0.34 -22.40
N LYS A 44 8.85 -1.50 -21.84
CA LYS A 44 8.98 -1.62 -20.39
C LYS A 44 10.01 -0.65 -19.77
N PRO A 45 11.20 -0.43 -20.34
CA PRO A 45 12.17 0.45 -19.66
C PRO A 45 11.65 1.84 -19.34
N PHE A 46 10.79 2.41 -20.19
CA PHE A 46 10.22 3.72 -19.87
C PHE A 46 9.30 3.64 -18.66
N GLY A 47 8.58 2.53 -18.49
CA GLY A 47 7.77 2.37 -17.30
C GLY A 47 8.61 2.20 -16.04
N ASP A 48 9.72 1.48 -16.14
CA ASP A 48 10.59 1.27 -14.98
C ASP A 48 11.25 2.57 -14.52
N LEU A 49 11.42 3.53 -15.44
CA LEU A 49 11.98 4.82 -15.05
C LEU A 49 11.04 5.56 -14.10
N PHE A 50 9.73 5.47 -14.35
CA PHE A 50 8.77 6.21 -13.53
C PHE A 50 8.77 5.72 -12.09
N VAL A 51 8.79 4.40 -11.89
CA VAL A 51 8.74 3.87 -10.52
C VAL A 51 10.03 4.16 -9.77
N ARG A 52 11.17 4.20 -10.48
CA ARG A 52 12.43 4.52 -9.80
C ARG A 52 12.45 5.96 -9.32
N LEU A 53 11.83 6.88 -10.07
CA LEU A 53 11.78 8.27 -9.66
C LEU A 53 10.99 8.44 -8.36
N LEU A 54 9.87 7.73 -8.24
CA LEU A 54 9.04 7.86 -7.04
C LEU A 54 9.74 7.28 -5.82
N LYS A 55 10.39 6.12 -5.97
CA LYS A 55 11.05 5.49 -4.84
C LYS A 55 12.28 6.26 -4.38
N MET A 56 12.80 7.17 -5.21
CA MET A 56 13.96 7.97 -4.82
C MET A 56 13.59 9.00 -3.74
N LEU A 57 12.37 9.52 -3.78
CA LEU A 57 11.95 10.58 -2.87
C LEU A 57 11.41 10.07 -1.54
N VAL A 58 11.24 8.75 -1.38
CA VAL A 58 10.55 8.23 -0.20
C VAL A 58 11.37 8.50 1.06
N MET A 59 12.66 8.16 1.04
CA MET A 59 13.47 8.31 2.25
C MET A 59 13.63 9.76 2.68
N PRO A 60 14.06 10.70 1.82
CA PRO A 60 14.21 12.09 2.29
C PRO A 60 12.91 12.74 2.73
N ILE A 61 11.78 12.38 2.12
CA ILE A 61 10.54 13.06 2.45
C ILE A 61 9.94 12.53 3.76
N VAL A 62 10.27 11.28 4.14
CA VAL A 62 9.74 10.74 5.38
C VAL A 62 10.49 11.31 6.58
N PHE A 63 11.82 11.32 6.52
CA PHE A 63 12.60 11.79 7.65
C PHE A 63 12.36 13.27 7.90
N ALA A 64 12.28 14.08 6.85
CA ALA A 64 12.14 15.52 7.02
C ALA A 64 10.74 15.89 7.54
N SER A 65 9.72 15.15 7.10
CA SER A 65 8.35 15.51 7.47
C SER A 65 8.08 15.23 8.95
N LEU A 66 8.57 14.09 9.46
CA LEU A 66 8.33 13.77 10.87
C LEU A 66 9.02 14.76 11.80
N VAL A 67 10.24 15.18 11.47
CA VAL A 67 10.97 16.10 12.33
C VAL A 67 10.22 17.43 12.43
N VAL A 68 9.77 17.95 11.29
CA VAL A 68 8.99 19.18 11.30
C VAL A 68 7.61 18.93 11.91
N GLY A 69 6.99 17.80 11.57
CA GLY A 69 5.66 17.53 12.08
C GLY A 69 5.62 17.31 13.58
N ALA A 70 6.57 16.55 14.11
CA ALA A 70 6.58 16.28 15.55
C ALA A 70 6.90 17.52 16.36
N ALA A 71 7.67 18.44 15.78
CA ALA A 71 8.00 19.68 16.49
C ALA A 71 6.77 20.55 16.69
N SER A 72 5.88 20.60 15.69
CA SER A 72 4.72 21.48 15.77
C SER A 72 3.70 20.97 16.79
N ILE A 73 3.58 19.66 16.92
CA ILE A 73 2.55 19.06 17.76
C ILE A 73 3.10 18.81 19.15
N SER A 74 2.26 18.96 20.16
CA SER A 74 2.66 18.73 21.54
C SER A 74 2.87 17.23 21.79
N PRO A 75 3.78 16.87 22.70
CA PRO A 75 3.99 15.45 22.99
C PRO A 75 2.74 14.72 23.48
N ALA A 76 1.91 15.39 24.27
CA ALA A 76 0.71 14.75 24.80
C ALA A 76 -0.29 14.44 23.68
N ARG A 77 -0.45 15.35 22.73
CA ARG A 77 -1.40 15.13 21.64
C ARG A 77 -0.92 14.02 20.71
N LEU A 78 0.40 13.88 20.53
CA LEU A 78 0.92 12.82 19.67
C LEU A 78 0.55 11.44 20.20
N GLY A 79 0.50 11.28 21.53
CA GLY A 79 0.10 10.00 22.09
C GLY A 79 -1.35 9.65 21.78
N ARG A 80 -2.25 10.63 21.84
CA ARG A 80 -3.65 10.38 21.52
C ARG A 80 -3.84 10.03 20.05
N VAL A 81 -3.08 10.68 19.17
CA VAL A 81 -3.17 10.37 17.74
C VAL A 81 -2.71 8.95 17.47
N GLY A 82 -1.62 8.53 18.12
CA GLY A 82 -1.08 7.21 17.85
C GLY A 82 -2.01 6.09 18.25
N VAL A 83 -2.64 6.20 19.43
CA VAL A 83 -3.51 5.12 19.89
C VAL A 83 -4.77 5.04 19.05
N LYS A 84 -5.31 6.18 18.63
CA LYS A 84 -6.52 6.16 17.80
C LYS A 84 -6.29 5.48 16.47
N ILE A 85 -5.16 5.77 15.82
CA ILE A 85 -4.92 5.24 14.48
C ILE A 85 -4.63 3.74 14.54
N VAL A 86 -4.01 3.26 15.62
CA VAL A 86 -3.73 1.83 15.74
C VAL A 86 -5.03 1.04 15.87
N VAL A 87 -5.97 1.54 16.68
CA VAL A 87 -7.26 0.87 16.83
C VAL A 87 -8.01 0.86 15.51
N TYR A 88 -7.95 1.96 14.77
CA TYR A 88 -8.65 2.04 13.49
C TYR A 88 -8.12 1.00 12.50
N TYR A 89 -6.80 0.83 12.44
CA TYR A 89 -6.21 -0.10 11.48
C TYR A 89 -6.67 -1.54 11.74
N LEU A 90 -6.66 -1.95 13.00
CA LEU A 90 -7.01 -3.33 13.32
C LEU A 90 -8.47 -3.65 12.97
N LEU A 91 -9.37 -2.72 13.28
CA LEU A 91 -10.79 -2.98 13.03
C LEU A 91 -11.09 -3.06 11.53
N THR A 92 -10.54 -2.13 10.74
CA THR A 92 -10.82 -2.12 9.31
C THR A 92 -10.21 -3.34 8.63
N SER A 93 -8.99 -3.73 9.00
CA SER A 93 -8.37 -4.90 8.40
C SER A 93 -9.14 -6.17 8.77
N ALA A 94 -9.60 -6.25 10.01
CA ALA A 94 -10.35 -7.45 10.44
C ALA A 94 -11.65 -7.59 9.66
N PHE A 95 -12.35 -6.48 9.43
CA PHE A 95 -13.61 -6.57 8.69
C PHE A 95 -13.38 -6.84 7.22
N ALA A 96 -12.23 -6.41 6.68
CA ALA A 96 -11.93 -6.67 5.28
C ALA A 96 -11.76 -8.17 5.02
N VAL A 97 -11.15 -8.89 5.96
CA VAL A 97 -11.01 -10.34 5.81
C VAL A 97 -12.38 -11.01 5.80
N THR A 98 -13.27 -10.57 6.70
CA THR A 98 -14.60 -11.15 6.76
C THR A 98 -15.36 -10.92 5.46
N LEU A 99 -15.23 -9.73 4.88
CA LEU A 99 -15.90 -9.45 3.61
C LEU A 99 -15.37 -10.36 2.50
N GLY A 100 -14.07 -10.66 2.51
CA GLY A 100 -13.53 -11.55 1.51
C GLY A 100 -14.04 -12.97 1.64
N ILE A 101 -14.28 -13.42 2.87
CA ILE A 101 -14.81 -14.77 3.08
C ILE A 101 -16.21 -14.89 2.48
N ILE A 102 -17.04 -13.86 2.65
CA ILE A 102 -18.41 -13.91 2.13
C ILE A 102 -18.39 -14.00 0.61
N MET A 103 -17.54 -13.20 -0.04
CA MET A 103 -17.52 -13.19 -1.50
C MET A 103 -17.05 -14.52 -2.06
N ALA A 104 -16.10 -15.18 -1.38
CA ALA A 104 -15.61 -16.47 -1.86
C ALA A 104 -16.72 -17.51 -1.84
N ARG A 105 -17.55 -17.50 -0.79
CA ARG A 105 -18.63 -18.49 -0.69
C ARG A 105 -19.66 -18.31 -1.80
N LEU A 106 -20.00 -17.06 -2.13
CA LEU A 106 -21.00 -16.82 -3.15
C LEU A 106 -20.52 -17.27 -4.53
N PHE A 107 -19.31 -16.87 -4.91
CA PHE A 107 -18.80 -17.24 -6.23
C PHE A 107 -18.34 -18.69 -6.29
N ASN A 108 -17.76 -19.21 -5.20
CA ASN A 108 -17.27 -20.58 -5.12
C ASN A 108 -16.25 -20.84 -6.22
N PRO A 109 -15.08 -20.21 -6.17
CA PRO A 109 -14.10 -20.40 -7.24
C PRO A 109 -13.32 -21.69 -7.07
N GLY A 110 -12.77 -22.17 -8.19
CA GLY A 110 -11.94 -23.35 -8.20
C GLY A 110 -12.64 -24.63 -7.77
N ALA A 111 -13.89 -24.81 -8.19
CA ALA A 111 -14.63 -26.01 -7.81
C ALA A 111 -14.03 -27.25 -8.46
N GLY A 112 -13.72 -27.17 -9.75
CA GLY A 112 -13.20 -28.33 -10.46
C GLY A 112 -11.97 -28.02 -11.30
N ILE A 113 -11.11 -27.14 -10.81
CA ILE A 113 -9.91 -26.77 -11.55
C ILE A 113 -8.97 -27.97 -11.63
N HIS A 114 -8.27 -28.09 -12.76
CA HIS A 114 -7.33 -29.19 -12.95
C HIS A 114 -6.12 -29.02 -12.05
N LEU A 115 -5.62 -30.14 -11.53
CA LEU A 115 -4.45 -30.16 -10.67
C LEU A 115 -3.36 -31.00 -11.32
N ALA A 116 -2.17 -30.42 -11.46
CA ALA A 116 -1.04 -31.11 -12.07
C ALA A 116 0.22 -30.85 -11.26
N VAL A 117 1.03 -31.90 -11.09
CA VAL A 117 2.25 -31.77 -10.32
C VAL A 117 3.27 -30.94 -11.09
N GLY A 118 3.88 -29.97 -10.40
CA GLY A 118 4.84 -29.10 -11.01
C GLY A 118 5.96 -28.68 -10.07
N GLY A 119 6.52 -27.49 -10.29
CA GLY A 119 7.57 -27.01 -9.42
C GLY A 119 7.09 -26.84 -7.99
N GLN A 120 7.92 -27.28 -7.05
CA GLN A 120 7.57 -27.24 -5.64
C GLN A 120 8.13 -25.98 -4.99
N GLN A 121 7.29 -25.27 -4.26
CA GLN A 121 7.74 -24.08 -3.54
C GLN A 121 8.68 -24.46 -2.41
N PHE A 122 9.60 -23.54 -2.10
CA PHE A 122 10.55 -23.77 -1.02
C PHE A 122 9.82 -23.79 0.33
N GLN A 123 10.54 -24.23 1.35
CA GLN A 123 9.99 -24.27 2.69
C GLN A 123 9.65 -22.86 3.13
N PRO A 124 8.43 -22.62 3.65
CA PRO A 124 8.03 -21.24 3.98
C PRO A 124 8.94 -20.61 5.02
N HIS A 125 9.22 -19.33 4.84
CA HIS A 125 10.09 -18.61 5.75
C HIS A 125 9.46 -18.51 7.13
N GLN A 126 10.22 -18.84 8.16
CA GLN A 126 9.71 -18.74 9.52
C GLN A 126 9.66 -17.28 9.94
N ALA A 127 8.50 -16.86 10.45
CA ALA A 127 8.34 -15.48 10.90
C ALA A 127 9.21 -15.23 12.13
N PRO A 128 9.87 -14.08 12.21
CA PRO A 128 10.66 -13.78 13.40
C PRO A 128 9.77 -13.66 14.61
N PRO A 129 10.28 -13.96 15.79
CA PRO A 129 9.47 -13.84 17.01
C PRO A 129 9.01 -12.41 17.23
N LEU A 130 7.84 -12.27 17.86
CA LEU A 130 7.25 -10.95 18.06
C LEU A 130 8.16 -10.03 18.87
N VAL A 131 8.94 -10.59 19.80
CA VAL A 131 9.84 -9.77 20.59
C VAL A 131 10.94 -9.16 19.71
N HIS A 132 11.38 -9.91 18.70
CA HIS A 132 12.38 -9.38 17.78
C HIS A 132 11.80 -8.28 16.90
N ILE A 133 10.53 -8.40 16.51
CA ILE A 133 9.91 -7.37 15.68
C ILE A 133 9.80 -6.06 16.44
N LEU A 134 9.39 -6.11 17.71
CA LEU A 134 9.23 -4.89 18.49
C LEU A 134 10.57 -4.26 18.80
N LEU A 135 11.58 -5.06 19.14
CA LEU A 135 12.89 -4.52 19.49
C LEU A 135 13.61 -3.91 18.29
N ASP A 136 13.21 -4.26 17.07
CA ASP A 136 13.85 -3.74 15.87
C ASP A 136 13.40 -2.33 15.52
N ILE A 137 12.41 -1.79 16.24
CA ILE A 137 11.97 -0.42 15.98
C ILE A 137 13.08 0.57 16.34
N VAL A 138 13.82 0.30 17.41
CA VAL A 138 14.91 1.16 17.83
C VAL A 138 16.11 0.89 16.92
N PRO A 139 16.60 1.90 16.20
CA PRO A 139 17.75 1.67 15.30
C PRO A 139 19.06 1.74 16.06
N THR A 140 19.92 0.74 15.85
CA THR A 140 21.25 0.77 16.46
C THR A 140 22.09 1.90 15.89
N ASN A 141 22.01 2.13 14.58
CA ASN A 141 22.72 3.22 13.92
C ASN A 141 21.71 4.07 13.16
N PRO A 142 21.46 5.30 13.59
CA PRO A 142 20.48 6.13 12.87
C PRO A 142 20.84 6.37 11.42
N PHE A 143 22.12 6.51 11.10
CA PHE A 143 22.53 6.71 9.71
C PHE A 143 22.39 5.42 8.91
N GLY A 144 22.59 4.26 9.54
CA GLY A 144 22.41 3.01 8.84
C GLY A 144 20.98 2.75 8.40
N ALA A 145 20.01 3.18 9.22
CA ALA A 145 18.62 2.99 8.85
C ALA A 145 18.26 3.78 7.59
N LEU A 146 18.73 5.02 7.50
CA LEU A 146 18.46 5.83 6.31
C LEU A 146 19.12 5.24 5.08
N ALA A 147 20.36 4.75 5.21
CA ALA A 147 21.07 4.19 4.07
C ALA A 147 20.44 2.89 3.60
N ASN A 148 19.94 2.07 4.52
CA ASN A 148 19.35 0.79 4.18
C ASN A 148 17.85 0.88 3.86
N GLY A 149 17.26 2.06 3.98
CA GLY A 149 15.87 2.25 3.64
C GLY A 149 14.89 1.50 4.53
N GLN A 150 15.11 1.55 5.84
CA GLN A 150 14.22 0.93 6.80
C GLN A 150 13.26 1.99 7.31
N VAL A 151 11.99 1.89 6.92
CA VAL A 151 11.03 2.95 7.20
C VAL A 151 10.71 3.00 8.70
N LEU A 152 10.42 1.84 9.30
CA LEU A 152 9.96 1.83 10.69
C LEU A 152 11.01 2.34 11.67
N PRO A 153 12.28 1.91 11.63
CA PRO A 153 13.27 2.54 12.52
C PRO A 153 13.47 4.01 12.25
N THR A 154 13.30 4.47 11.01
CA THR A 154 13.47 5.88 10.69
C THR A 154 12.42 6.73 11.38
N ILE A 155 11.18 6.23 11.47
CA ILE A 155 10.12 6.98 12.12
C ILE A 155 10.42 7.21 13.59
N PHE A 156 10.96 6.19 14.27
CA PHE A 156 11.22 6.30 15.69
C PHE A 156 12.26 7.39 15.99
N PHE A 157 13.34 7.42 15.20
CA PHE A 157 14.39 8.39 15.45
C PHE A 157 13.94 9.81 15.13
N ALA A 158 13.13 9.96 14.08
CA ALA A 158 12.70 11.30 13.67
C ALA A 158 11.75 11.92 14.69
N ILE A 159 10.91 11.11 15.33
CA ILE A 159 9.95 11.64 16.29
C ILE A 159 10.66 12.17 17.52
N ILE A 160 11.60 11.39 18.07
CA ILE A 160 12.29 11.84 19.28
C ILE A 160 13.20 13.02 18.98
N LEU A 161 13.78 13.08 17.78
CA LEU A 161 14.61 14.24 17.42
C LEU A 161 13.78 15.51 17.36
N GLY A 162 12.57 15.42 16.79
CA GLY A 162 11.72 16.60 16.72
C GLY A 162 11.25 17.08 18.08
N ILE A 163 10.98 16.14 18.99
CA ILE A 163 10.56 16.51 20.34
C ILE A 163 11.70 17.21 21.08
N ALA A 164 12.92 16.72 20.93
CA ALA A 164 14.06 17.32 21.63
C ALA A 164 14.34 18.73 21.15
N ILE A 165 14.05 19.03 19.89
CA ILE A 165 14.31 20.36 19.35
C ILE A 165 13.40 21.39 20.01
N THR A 166 12.15 21.01 20.28
CA THR A 166 11.21 21.95 20.88
C THR A 166 11.67 22.38 22.27
N TYR A 167 12.22 21.44 23.04
CA TYR A 167 12.70 21.78 24.38
C TYR A 167 13.90 22.72 24.31
N LEU A 168 14.76 22.56 23.30
CA LEU A 168 15.88 23.45 23.12
C LEU A 168 15.43 24.87 22.80
N MET A 169 14.38 25.00 21.97
CA MET A 169 13.90 26.32 21.58
C MET A 169 13.21 27.06 22.72
N ASN A 170 12.91 26.39 23.82
CA ASN A 170 12.34 27.02 25.00
C ASN A 170 13.37 27.30 26.08
N SER A 171 14.65 27.10 25.79
CA SER A 171 15.70 27.33 26.77
C SER A 171 15.92 28.82 27.00
N GLU A 172 16.61 29.14 28.08
CA GLU A 172 16.92 30.53 28.44
C GLU A 172 18.29 30.97 27.92
N ASN A 173 18.97 30.13 27.15
CA ASN A 173 20.28 30.46 26.59
C ASN A 173 20.10 30.85 25.14
N GLU A 174 20.57 32.05 24.77
CA GLU A 174 20.40 32.53 23.41
C GLU A 174 21.14 31.68 22.40
N LYS A 175 22.36 31.24 22.75
CA LYS A 175 23.13 30.43 21.82
C LYS A 175 22.44 29.11 21.51
N VAL A 176 21.87 28.46 22.53
CA VAL A 176 21.19 27.19 22.32
C VAL A 176 19.93 27.39 21.48
N ARG A 177 19.20 28.49 21.72
CA ARG A 177 17.99 28.75 20.94
C ARG A 177 18.32 29.01 19.48
N LYS A 178 19.38 29.80 19.22
CA LYS A 178 19.74 30.12 17.84
C LYS A 178 20.15 28.89 17.07
N SER A 179 20.90 27.99 17.71
CA SER A 179 21.32 26.76 17.05
C SER A 179 20.14 25.86 16.71
N ALA A 180 19.17 25.77 17.62
CA ALA A 180 18.02 24.91 17.40
C ALA A 180 17.17 25.39 16.23
N GLU A 181 16.95 26.70 16.12
CA GLU A 181 16.18 27.23 15.01
C GLU A 181 16.88 27.02 13.68
N THR A 182 18.21 27.19 13.66
CA THR A 182 18.95 26.99 12.42
C THR A 182 18.85 25.55 11.93
N LEU A 183 18.95 24.59 12.85
CA LEU A 183 18.81 23.18 12.46
C LEU A 183 17.41 22.89 11.93
N LEU A 184 16.38 23.42 12.59
CA LEU A 184 15.01 23.16 12.16
C LEU A 184 14.72 23.78 10.80
N ASP A 185 15.24 24.98 10.55
CA ASP A 185 15.00 25.63 9.26
C ASP A 185 15.64 24.86 8.12
N ALA A 186 16.86 24.34 8.34
CA ALA A 186 17.53 23.57 7.29
C ALA A 186 16.75 22.30 6.95
N ILE A 187 16.24 21.60 7.97
CA ILE A 187 15.46 20.40 7.72
C ILE A 187 14.14 20.73 7.05
N ASN A 188 13.53 21.86 7.45
CA ASN A 188 12.27 22.28 6.83
C ASN A 188 12.46 22.59 5.35
N GLY A 189 13.59 23.21 5.01
CA GLY A 189 13.85 23.50 3.60
C GLY A 189 14.00 22.25 2.76
N LEU A 190 14.57 21.20 3.34
CA LEU A 190 14.71 19.93 2.62
C LEU A 190 13.33 19.33 2.32
N ALA A 191 12.42 19.40 3.28
CA ALA A 191 11.07 18.86 3.06
C ALA A 191 10.35 19.60 1.95
N GLU A 192 10.46 20.93 1.94
CA GLU A 192 9.77 21.73 0.93
C GLU A 192 10.32 21.46 -0.46
N ALA A 193 11.63 21.22 -0.56
CA ALA A 193 12.23 20.93 -1.87
C ALA A 193 11.72 19.59 -2.41
N MET A 194 11.48 18.62 -1.54
CA MET A 194 10.98 17.33 -1.99
C MET A 194 9.61 17.44 -2.63
N TYR A 195 8.72 18.26 -2.05
CA TYR A 195 7.39 18.43 -2.62
C TYR A 195 7.44 19.09 -3.98
N LYS A 196 8.39 20.00 -4.20
CA LYS A 196 8.53 20.64 -5.50
C LYS A 196 8.92 19.63 -6.57
N ILE A 197 9.79 18.67 -6.23
CA ILE A 197 10.18 17.64 -7.18
C ILE A 197 9.01 16.75 -7.54
N VAL A 198 8.11 16.48 -6.58
CA VAL A 198 6.98 15.60 -6.83
C VAL A 198 6.10 16.16 -7.95
N ASN A 199 5.92 17.48 -7.99
CA ASN A 199 5.11 18.07 -9.05
C ASN A 199 5.71 17.81 -10.42
N GLY A 200 7.04 17.89 -10.54
CA GLY A 200 7.68 17.63 -11.82
C GLY A 200 7.54 16.18 -12.25
N VAL A 201 7.56 15.26 -11.29
CA VAL A 201 7.50 13.84 -11.62
C VAL A 201 6.17 13.48 -12.27
N MET A 202 5.07 14.03 -11.75
CA MET A 202 3.75 13.72 -12.30
C MET A 202 3.57 14.22 -13.72
N GLN A 203 4.41 15.14 -14.19
CA GLN A 203 4.37 15.53 -15.59
C GLN A 203 4.82 14.39 -16.49
N TYR A 204 5.75 13.57 -16.02
CA TYR A 204 6.19 12.38 -16.76
C TYR A 204 5.27 11.19 -16.55
N ALA A 205 4.36 11.26 -15.58
CA ALA A 205 3.47 10.15 -15.28
C ALA A 205 2.65 9.65 -16.47
N PRO A 206 2.12 10.50 -17.37
CA PRO A 206 1.38 9.95 -18.51
C PRO A 206 2.18 8.96 -19.34
N ILE A 207 3.47 9.20 -19.53
CA ILE A 207 4.31 8.26 -20.26
C ILE A 207 4.53 6.99 -19.45
N GLY A 208 4.75 7.14 -18.13
CA GLY A 208 5.04 5.99 -17.31
C GLY A 208 3.87 5.03 -17.18
N VAL A 209 2.66 5.56 -17.03
CA VAL A 209 1.49 4.70 -16.85
C VAL A 209 1.18 3.93 -18.13
N PHE A 210 1.49 4.50 -19.29
CA PHE A 210 1.24 3.81 -20.55
C PHE A 210 2.06 2.54 -20.66
N ALA A 211 3.34 2.60 -20.28
CA ALA A 211 4.23 1.46 -20.46
C ALA A 211 3.90 0.33 -19.50
N LEU A 212 3.62 0.65 -18.24
CA LEU A 212 3.38 -0.39 -17.24
C LEU A 212 2.13 -1.21 -17.57
N ILE A 213 1.05 -0.55 -17.98
CA ILE A 213 -0.19 -1.26 -18.28
C ILE A 213 -0.03 -2.09 -19.54
N ALA A 214 0.68 -1.56 -20.55
CA ALA A 214 0.85 -2.30 -21.80
C ALA A 214 1.61 -3.59 -21.58
N HIS A 215 2.65 -3.56 -20.74
CA HIS A 215 3.48 -4.74 -20.54
C HIS A 215 2.70 -5.85 -19.83
N VAL A 216 1.96 -5.50 -18.77
CA VAL A 216 1.29 -6.53 -17.98
C VAL A 216 0.13 -7.15 -18.76
N MET A 217 -0.61 -6.35 -19.51
CA MET A 217 -1.76 -6.87 -20.25
C MET A 217 -1.31 -7.78 -21.38
N ALA A 218 -0.21 -7.44 -22.06
CA ALA A 218 0.26 -8.25 -23.16
C ALA A 218 0.71 -9.63 -22.71
N HIS A 219 1.40 -9.71 -21.57
CA HIS A 219 1.96 -10.97 -21.09
C HIS A 219 0.99 -11.76 -20.21
N GLN A 220 0.17 -11.07 -19.42
CA GLN A 220 -0.60 -11.72 -18.37
C GLN A 220 -2.11 -11.59 -18.52
N GLY A 221 -2.60 -10.65 -19.33
CA GLY A 221 -4.04 -10.47 -19.44
C GLY A 221 -4.75 -11.60 -20.15
N VAL A 222 -4.00 -12.38 -20.93
CA VAL A 222 -4.63 -13.48 -21.68
C VAL A 222 -5.10 -14.57 -20.74
N HIS A 223 -4.36 -14.84 -19.66
CA HIS A 223 -4.65 -15.95 -18.77
C HIS A 223 -5.87 -15.72 -17.88
N VAL A 224 -6.56 -14.59 -18.03
CA VAL A 224 -7.76 -14.33 -17.22
C VAL A 224 -8.86 -15.32 -17.56
N VAL A 225 -8.98 -15.71 -18.82
CA VAL A 225 -10.05 -16.62 -19.24
C VAL A 225 -9.90 -17.96 -18.52
N GLY A 226 -11.03 -18.56 -18.17
CA GLY A 226 -11.07 -19.83 -17.48
C GLY A 226 -11.64 -19.70 -16.08
N GLU A 227 -11.23 -20.64 -15.23
CA GLU A 227 -11.66 -20.62 -13.83
C GLU A 227 -11.07 -19.42 -13.10
N LEU A 228 -9.91 -18.92 -13.54
CA LEU A 228 -9.29 -17.78 -12.89
C LEU A 228 -10.13 -16.52 -13.05
N ALA A 229 -11.02 -16.48 -14.04
CA ALA A 229 -11.89 -15.33 -14.22
C ALA A 229 -12.81 -15.15 -13.03
N LYS A 230 -13.31 -16.25 -12.47
CA LYS A 230 -14.17 -16.17 -11.28
C LYS A 230 -13.41 -15.59 -10.10
N VAL A 231 -12.13 -15.96 -9.94
CA VAL A 231 -11.34 -15.42 -8.85
C VAL A 231 -11.18 -13.91 -8.98
N THR A 232 -10.90 -13.44 -10.20
CA THR A 232 -10.76 -12.01 -10.41
C THR A 232 -12.07 -11.27 -10.12
N ALA A 233 -13.19 -11.84 -10.53
CA ALA A 233 -14.48 -11.22 -10.28
C ALA A 233 -14.76 -11.13 -8.78
N ALA A 234 -14.44 -12.19 -8.04
CA ALA A 234 -14.71 -12.19 -6.59
C ALA A 234 -13.89 -11.13 -5.88
N VAL A 235 -12.61 -10.99 -6.24
CA VAL A 235 -11.73 -10.05 -5.55
C VAL A 235 -12.15 -8.62 -5.84
N TYR A 236 -12.36 -8.28 -7.12
CA TYR A 236 -12.61 -6.89 -7.49
C TYR A 236 -13.97 -6.41 -6.98
N VAL A 237 -14.98 -7.28 -7.01
CA VAL A 237 -16.27 -6.91 -6.43
C VAL A 237 -16.12 -6.68 -4.93
N GLY A 238 -15.33 -7.54 -4.26
CA GLY A 238 -15.07 -7.33 -2.85
C GLY A 238 -14.31 -6.04 -2.58
N LEU A 239 -13.35 -5.70 -3.43
CA LEU A 239 -12.63 -4.45 -3.27
C LEU A 239 -13.55 -3.25 -3.46
N THR A 240 -14.47 -3.34 -4.42
CA THR A 240 -15.42 -2.25 -4.63
C THR A 240 -16.31 -2.06 -3.41
N LEU A 241 -16.76 -3.15 -2.79
CA LEU A 241 -17.58 -3.05 -1.60
C LEU A 241 -16.80 -2.43 -0.44
N GLN A 242 -15.52 -2.77 -0.32
CA GLN A 242 -14.72 -2.27 0.80
C GLN A 242 -14.62 -0.75 0.76
N ILE A 243 -14.44 -0.18 -0.43
CA ILE A 243 -14.37 1.28 -0.55
C ILE A 243 -15.71 1.92 -0.21
N LEU A 244 -16.81 1.32 -0.69
CA LEU A 244 -18.12 1.93 -0.52
C LEU A 244 -18.77 1.53 0.80
N LEU A 245 -18.85 0.23 1.08
CA LEU A 245 -19.62 -0.22 2.23
C LEU A 245 -18.91 0.10 3.55
N VAL A 246 -17.60 0.31 3.53
CA VAL A 246 -16.86 0.54 4.77
C VAL A 246 -16.49 2.00 4.91
N TYR A 247 -15.68 2.50 3.98
CA TYR A 247 -15.09 3.84 4.15
C TYR A 247 -16.14 4.93 4.04
N PHE A 248 -17.06 4.82 3.08
CA PHE A 248 -18.07 5.86 2.91
C PHE A 248 -19.01 5.92 4.10
N VAL A 249 -19.33 4.76 4.68
CA VAL A 249 -20.22 4.73 5.85
C VAL A 249 -19.57 5.42 7.04
N LEU A 250 -18.29 5.13 7.29
CA LEU A 250 -17.59 5.76 8.40
C LEU A 250 -17.46 7.26 8.19
N LEU A 251 -17.21 7.69 6.95
CA LEU A 251 -17.11 9.12 6.67
C LEU A 251 -18.43 9.84 6.95
N LYS A 252 -19.55 9.20 6.59
CA LYS A 252 -20.85 9.80 6.87
C LYS A 252 -21.10 9.89 8.37
N ILE A 253 -20.68 8.87 9.13
CA ILE A 253 -20.90 8.87 10.58
C ILE A 253 -20.16 10.03 11.24
N TYR A 254 -18.93 10.28 10.83
CA TYR A 254 -18.09 11.29 11.45
C TYR A 254 -18.27 12.68 10.82
N GLY A 255 -19.17 12.82 9.85
CA GLY A 255 -19.49 14.12 9.30
C GLY A 255 -18.66 14.55 8.11
N ILE A 256 -17.64 13.77 7.72
CA ILE A 256 -16.84 14.12 6.56
C ILE A 256 -17.65 13.87 5.30
N ASP A 257 -17.59 14.82 4.36
CA ASP A 257 -18.34 14.71 3.12
C ASP A 257 -17.63 13.74 2.19
N PRO A 258 -18.26 12.64 1.79
CA PRO A 258 -17.61 11.71 0.85
C PRO A 258 -17.28 12.33 -0.49
N ILE A 259 -18.13 13.23 -0.99
CA ILE A 259 -17.90 13.82 -2.30
C ILE A 259 -16.71 14.77 -2.27
N SER A 260 -16.60 15.59 -1.21
CA SER A 260 -15.46 16.48 -1.09
C SER A 260 -14.17 15.69 -0.91
N PHE A 261 -14.20 14.63 -0.11
CA PHE A 261 -13.00 13.84 0.15
C PHE A 261 -12.51 13.14 -1.12
N ILE A 262 -13.43 12.57 -1.90
CA ILE A 262 -13.03 11.78 -3.06
C ILE A 262 -12.42 12.68 -4.15
N LYS A 263 -12.85 13.94 -4.21
CA LYS A 263 -12.30 14.84 -5.22
C LYS A 263 -10.82 15.10 -4.99
N HIS A 264 -10.40 15.26 -3.74
CA HIS A 264 -9.00 15.54 -3.46
C HIS A 264 -8.16 14.27 -3.60
N ALA A 265 -8.71 13.12 -3.26
CA ALA A 265 -7.97 11.87 -3.20
C ALA A 265 -7.93 11.11 -4.52
N LYS A 266 -8.48 11.69 -5.59
CA LYS A 266 -8.48 11.00 -6.88
C LYS A 266 -7.06 10.82 -7.41
N ASP A 267 -6.19 11.80 -7.18
CA ASP A 267 -4.81 11.71 -7.67
C ASP A 267 -4.07 10.58 -6.99
N ALA A 268 -4.20 10.46 -5.66
CA ALA A 268 -3.47 9.45 -4.92
C ALA A 268 -4.00 8.04 -5.21
N MET A 269 -5.32 7.91 -5.34
CA MET A 269 -5.91 6.59 -5.60
C MET A 269 -5.48 6.05 -6.95
N LEU A 270 -5.43 6.90 -7.98
CA LEU A 270 -5.17 6.41 -9.33
C LEU A 270 -3.72 6.01 -9.51
N THR A 271 -2.78 6.80 -8.97
CA THR A 271 -1.36 6.51 -9.15
C THR A 271 -0.95 5.22 -8.46
N ALA A 272 -1.66 4.84 -7.39
CA ALA A 272 -1.36 3.59 -6.72
C ALA A 272 -1.78 2.39 -7.55
N PHE A 273 -2.81 2.55 -8.37
CA PHE A 273 -3.29 1.45 -9.20
C PHE A 273 -2.24 1.02 -10.22
N VAL A 274 -1.54 1.98 -10.82
CA VAL A 274 -0.58 1.64 -11.87
C VAL A 274 0.75 1.22 -11.27
N THR A 275 1.24 1.92 -10.24
CA THR A 275 2.54 1.58 -9.67
C THR A 275 2.48 0.32 -8.82
N SER A 276 1.35 0.07 -8.16
CA SER A 276 1.18 -1.10 -7.29
C SER A 276 2.22 -1.13 -6.18
N SER A 277 2.60 0.03 -5.66
CA SER A 277 3.53 0.12 -4.54
C SER A 277 3.06 1.20 -3.59
N SER A 278 2.69 0.80 -2.37
CA SER A 278 2.22 1.76 -1.38
C SER A 278 3.34 2.70 -0.94
N SER A 279 4.56 2.17 -0.79
CA SER A 279 5.69 3.00 -0.41
C SER A 279 6.01 4.02 -1.50
N GLY A 280 5.96 3.60 -2.77
CA GLY A 280 6.25 4.51 -3.86
C GLY A 280 5.20 5.59 -4.03
N THR A 281 3.98 5.33 -3.57
CA THR A 281 2.88 6.30 -3.66
C THR A 281 2.92 7.32 -2.53
N LEU A 282 3.75 7.08 -1.51
CA LEU A 282 3.78 7.98 -0.35
C LEU A 282 4.05 9.44 -0.71
N PRO A 283 4.99 9.79 -1.58
CA PRO A 283 5.16 11.22 -1.92
C PRO A 283 3.88 11.84 -2.48
N VAL A 284 3.14 11.11 -3.32
CA VAL A 284 1.89 11.64 -3.84
C VAL A 284 0.83 11.70 -2.74
N THR A 285 0.74 10.65 -1.93
CA THR A 285 -0.30 10.59 -0.89
C THR A 285 -0.11 11.71 0.13
N MET A 286 1.12 11.96 0.55
CA MET A 286 1.38 13.03 1.51
C MET A 286 1.08 14.40 0.92
N ARG A 287 1.31 14.58 -0.38
CA ARG A 287 0.97 15.84 -1.03
C ARG A 287 -0.54 16.06 -1.04
N VAL A 288 -1.32 14.98 -1.20
CA VAL A 288 -2.77 15.10 -1.21
C VAL A 288 -3.28 15.48 0.17
N ALA A 289 -2.66 14.94 1.22
CA ALA A 289 -3.16 15.17 2.58
C ALA A 289 -3.09 16.64 2.96
N LYS A 290 -1.99 17.32 2.60
CA LYS A 290 -1.86 18.72 2.96
C LYS A 290 -2.83 19.60 2.18
N GLU A 291 -3.25 19.15 0.99
CA GLU A 291 -4.20 19.94 0.20
C GLU A 291 -5.56 20.04 0.89
N MET A 292 -6.00 18.95 1.51
CA MET A 292 -7.29 18.97 2.21
C MET A 292 -7.28 19.92 3.41
N GLY A 293 -6.11 20.25 3.93
CA GLY A 293 -6.01 21.08 5.11
C GLY A 293 -5.69 20.35 6.39
N ILE A 294 -5.27 19.08 6.31
CA ILE A 294 -4.91 18.33 7.50
C ILE A 294 -3.69 18.96 8.17
N SER A 295 -3.66 18.92 9.49
CA SER A 295 -2.55 19.49 10.24
C SER A 295 -1.26 18.75 9.93
N GLU A 296 -0.14 19.47 9.98
CA GLU A 296 1.15 18.89 9.64
C GLU A 296 1.51 17.74 10.57
N GLY A 297 1.24 17.91 11.87
CA GLY A 297 1.60 16.87 12.83
C GLY A 297 0.80 15.60 12.67
N ILE A 298 -0.41 15.70 12.11
CA ILE A 298 -1.28 14.53 12.01
C ILE A 298 -0.85 13.63 10.87
N TYR A 299 -0.88 14.16 9.63
CA TYR A 299 -0.64 13.31 8.47
C TYR A 299 0.83 12.92 8.32
N SER A 300 1.74 13.62 8.99
CA SER A 300 3.15 13.27 8.88
C SER A 300 3.45 11.93 9.53
N PHE A 301 2.66 11.54 10.53
CA PHE A 301 2.89 10.30 11.27
C PHE A 301 1.97 9.16 10.85
N THR A 302 0.71 9.47 10.53
CA THR A 302 -0.25 8.40 10.25
C THR A 302 0.01 7.76 8.90
N LEU A 303 0.28 8.57 7.87
CA LEU A 303 0.48 8.01 6.53
C LEU A 303 1.69 7.11 6.42
N PRO A 304 2.89 7.48 6.88
CA PRO A 304 4.02 6.55 6.79
C PRO A 304 3.80 5.25 7.54
N LEU A 305 3.13 5.31 8.70
CA LEU A 305 2.86 4.10 9.46
C LEU A 305 1.80 3.25 8.77
N GLY A 306 0.79 3.89 8.17
CA GLY A 306 -0.25 3.14 7.49
C GLY A 306 0.26 2.35 6.30
N ALA A 307 1.27 2.87 5.61
CA ALA A 307 1.82 2.16 4.47
C ALA A 307 2.44 0.83 4.89
N THR A 308 3.09 0.80 6.05
CA THR A 308 3.81 -0.40 6.48
C THR A 308 2.86 -1.47 6.99
N ILE A 309 1.91 -1.10 7.85
CA ILE A 309 1.12 -2.07 8.59
C ILE A 309 -0.30 -2.22 8.03
N ASN A 310 -0.92 -1.12 7.61
CA ASN A 310 -2.30 -1.19 7.14
C ASN A 310 -2.35 -1.83 5.77
N MET A 311 -2.92 -3.03 5.68
CA MET A 311 -3.13 -3.74 4.43
C MET A 311 -4.58 -4.20 4.38
N ASP A 312 -5.46 -3.34 3.89
CA ASP A 312 -6.87 -3.70 3.80
C ASP A 312 -7.16 -4.52 2.55
N GLY A 313 -6.70 -4.06 1.40
CA GLY A 313 -6.89 -4.82 0.17
C GLY A 313 -6.12 -6.13 0.18
N THR A 314 -4.92 -6.12 0.77
CA THR A 314 -4.12 -7.34 0.87
C THR A 314 -4.80 -8.36 1.77
N ALA A 315 -5.44 -7.90 2.84
CA ALA A 315 -6.13 -8.82 3.74
C ALA A 315 -7.27 -9.55 3.04
N LEU A 316 -8.03 -8.84 2.21
CA LEU A 316 -9.11 -9.48 1.47
C LEU A 316 -8.58 -10.49 0.47
N TYR A 317 -7.40 -10.23 -0.09
CA TYR A 317 -6.80 -11.18 -1.04
C TYR A 317 -6.49 -12.51 -0.37
N GLN A 318 -5.98 -12.47 0.86
CA GLN A 318 -5.67 -13.70 1.58
C GLN A 318 -6.93 -14.50 1.89
N GLY A 319 -8.01 -13.81 2.26
CA GLY A 319 -9.25 -14.52 2.58
C GLY A 319 -9.85 -15.23 1.38
N VAL A 320 -9.85 -14.57 0.22
CA VAL A 320 -10.41 -15.19 -0.98
C VAL A 320 -9.51 -16.32 -1.47
N ALA A 321 -8.20 -16.11 -1.44
CA ALA A 321 -7.27 -17.13 -1.94
C ALA A 321 -7.29 -18.39 -1.09
N THR A 322 -7.60 -18.28 0.20
CA THR A 322 -7.63 -19.45 1.06
C THR A 322 -8.72 -20.42 0.63
N PHE A 323 -9.90 -19.90 0.28
CA PHE A 323 -11.00 -20.77 -0.14
C PHE A 323 -10.69 -21.44 -1.48
N PHE A 324 -9.99 -20.75 -2.37
CA PHE A 324 -9.68 -21.32 -3.68
C PHE A 324 -8.82 -22.56 -3.55
N ILE A 325 -7.83 -22.53 -2.65
CA ILE A 325 -6.95 -23.69 -2.48
C ILE A 325 -7.74 -24.88 -1.95
N ALA A 326 -8.60 -24.64 -0.96
CA ALA A 326 -9.39 -25.74 -0.39
C ALA A 326 -10.38 -26.31 -1.41
N ASN A 327 -11.02 -25.43 -2.20
CA ASN A 327 -11.97 -25.90 -3.19
C ASN A 327 -11.29 -26.77 -4.25
N ALA A 328 -10.05 -26.45 -4.58
CA ALA A 328 -9.30 -27.28 -5.53
C ALA A 328 -9.10 -28.68 -4.98
N LEU A 329 -8.78 -28.79 -3.69
CA LEU A 329 -8.61 -30.09 -3.06
C LEU A 329 -9.92 -30.73 -2.63
N GLY A 330 -11.03 -29.98 -2.67
CA GLY A 330 -12.30 -30.49 -2.22
C GLY A 330 -12.53 -30.43 -0.73
N SER A 331 -11.62 -29.83 0.02
CA SER A 331 -11.77 -29.75 1.46
C SER A 331 -12.88 -28.77 1.83
N HIS A 332 -13.47 -28.98 3.01
CA HIS A 332 -14.57 -28.17 3.50
C HIS A 332 -14.10 -27.40 4.74
N LEU A 333 -14.48 -26.13 4.81
CA LEU A 333 -14.08 -25.26 5.90
C LEU A 333 -15.21 -25.15 6.92
N THR A 334 -14.91 -25.54 8.16
CA THR A 334 -15.89 -25.41 9.23
C THR A 334 -16.04 -23.96 9.64
N VAL A 335 -17.21 -23.63 10.21
CA VAL A 335 -17.46 -22.26 10.67
C VAL A 335 -16.44 -21.85 11.73
N GLY A 336 -16.02 -22.78 12.57
CA GLY A 336 -14.96 -22.48 13.52
C GLY A 336 -13.62 -22.20 12.85
N GLN A 337 -13.34 -22.92 11.76
CA GLN A 337 -12.10 -22.71 11.03
C GLN A 337 -12.10 -21.36 10.32
N GLN A 338 -13.27 -20.91 9.85
CA GLN A 338 -13.34 -19.61 9.19
C GLN A 338 -12.98 -18.49 10.15
N LEU A 339 -13.42 -18.58 11.40
CA LEU A 339 -13.05 -17.57 12.40
C LEU A 339 -11.56 -17.58 12.68
N THR A 340 -10.89 -18.73 12.52
CA THR A 340 -9.45 -18.79 12.70
C THR A 340 -8.73 -17.96 11.65
N ILE A 341 -9.26 -17.91 10.43
CA ILE A 341 -8.64 -17.12 9.37
C ILE A 341 -8.62 -15.64 9.74
N VAL A 342 -9.72 -15.14 10.29
CA VAL A 342 -9.82 -13.72 10.61
C VAL A 342 -8.78 -13.34 11.66
N LEU A 343 -8.66 -14.15 12.71
CA LEU A 343 -7.67 -13.87 13.75
C LEU A 343 -6.25 -13.98 13.21
N THR A 344 -5.98 -14.99 12.39
CA THR A 344 -4.63 -15.18 11.86
C THR A 344 -4.21 -14.02 10.97
N ALA A 345 -5.12 -13.54 10.12
CA ALA A 345 -4.77 -12.47 9.19
C ALA A 345 -4.43 -11.18 9.92
N VAL A 346 -5.18 -10.84 10.97
CA VAL A 346 -4.93 -9.61 11.71
C VAL A 346 -3.57 -9.67 12.40
N LEU A 347 -3.27 -10.80 13.06
CA LEU A 347 -2.01 -10.92 13.76
C LEU A 347 -0.82 -10.89 12.80
N ALA A 348 -0.96 -11.53 11.64
CA ALA A 348 0.13 -11.55 10.67
C ALA A 348 0.41 -10.16 10.10
N SER A 349 -0.61 -9.30 10.01
CA SER A 349 -0.41 -7.97 9.46
C SER A 349 0.56 -7.15 10.31
N ILE A 350 0.41 -7.21 11.64
CA ILE A 350 1.33 -6.51 12.53
C ILE A 350 2.48 -7.38 12.99
N GLY A 351 2.39 -8.69 12.80
CA GLY A 351 3.46 -9.59 13.14
C GLY A 351 4.57 -9.70 12.11
N THR A 352 4.41 -9.04 10.97
CA THR A 352 5.40 -9.05 9.90
C THR A 352 5.77 -7.63 9.49
N ALA A 353 5.76 -6.69 10.43
CA ALA A 353 6.02 -5.30 10.11
C ALA A 353 7.51 -5.10 9.83
N GLY A 354 7.82 -4.62 8.63
CA GLY A 354 9.17 -4.27 8.26
C GLY A 354 9.98 -5.38 7.61
N VAL A 355 9.49 -6.61 7.61
CA VAL A 355 10.23 -7.71 6.99
C VAL A 355 10.11 -7.61 5.48
N PRO A 356 11.15 -7.95 4.73
CA PRO A 356 11.07 -7.85 3.27
C PRO A 356 10.16 -8.93 2.70
N GLY A 357 9.35 -8.54 1.71
CA GLY A 357 8.46 -9.46 1.04
C GLY A 357 7.47 -10.14 1.95
N ALA A 358 6.82 -9.36 2.81
CA ALA A 358 5.90 -9.92 3.80
C ALA A 358 4.68 -10.58 3.18
N GLY A 359 4.41 -10.33 1.89
CA GLY A 359 3.25 -10.93 1.27
C GLY A 359 3.30 -12.45 1.23
N ALA A 360 4.47 -13.01 0.93
CA ALA A 360 4.60 -14.46 0.90
C ALA A 360 4.45 -15.07 2.29
N ILE A 361 5.03 -14.42 3.31
CA ILE A 361 4.98 -14.97 4.65
C ILE A 361 3.55 -14.95 5.20
N MET A 362 2.83 -13.84 4.99
CA MET A 362 1.49 -13.73 5.56
C MET A 362 0.56 -14.77 4.98
N LEU A 363 0.62 -15.01 3.66
CA LEU A 363 -0.25 -16.01 3.06
C LEU A 363 0.12 -17.41 3.55
N ALA A 364 1.41 -17.69 3.71
CA ALA A 364 1.84 -19.00 4.20
C ALA A 364 1.34 -19.24 5.62
N MET A 365 1.37 -18.21 6.46
CA MET A 365 0.91 -18.37 7.84
C MET A 365 -0.58 -18.72 7.90
N VAL A 366 -1.39 -18.09 7.05
CA VAL A 366 -2.83 -18.36 7.04
C VAL A 366 -3.08 -19.80 6.60
N LEU A 367 -2.38 -20.26 5.57
CA LEU A 367 -2.56 -21.63 5.09
C LEU A 367 -2.15 -22.64 6.15
N HIS A 368 -1.07 -22.35 6.88
CA HIS A 368 -0.64 -23.26 7.94
C HIS A 368 -1.67 -23.32 9.07
N SER A 369 -2.32 -22.20 9.37
CA SER A 369 -3.26 -22.16 10.49
C SER A 369 -4.46 -23.06 10.24
N VAL A 370 -4.99 -23.07 9.01
CA VAL A 370 -6.20 -23.83 8.72
C VAL A 370 -5.93 -25.31 8.49
N GLY A 371 -4.70 -25.76 8.66
CA GLY A 371 -4.37 -27.16 8.48
C GLY A 371 -3.91 -27.55 7.09
N LEU A 372 -3.52 -26.59 6.26
CA LEU A 372 -3.08 -26.89 4.90
C LEU A 372 -1.68 -26.32 4.69
N PRO A 373 -0.65 -27.00 5.17
CA PRO A 373 0.72 -26.48 5.01
C PRO A 373 1.12 -26.39 3.54
N LEU A 374 1.91 -25.37 3.23
CA LEU A 374 2.38 -25.17 1.87
C LEU A 374 3.36 -26.26 1.44
N THR A 375 3.99 -26.96 2.38
CA THR A 375 4.94 -28.01 2.05
C THR A 375 4.28 -29.16 1.30
N ASP A 376 2.96 -29.30 1.40
CA ASP A 376 2.24 -30.33 0.66
C ASP A 376 2.41 -30.09 -0.84
N PRO A 377 2.87 -31.08 -1.60
CA PRO A 377 3.06 -30.86 -3.05
C PRO A 377 1.80 -30.46 -3.79
N ASN A 378 0.63 -30.96 -3.38
CA ASN A 378 -0.59 -30.68 -4.13
C ASN A 378 -1.04 -29.23 -3.97
N VAL A 379 -0.93 -28.67 -2.76
CA VAL A 379 -1.33 -27.28 -2.57
C VAL A 379 -0.38 -26.35 -3.31
N ALA A 380 0.87 -26.77 -3.50
CA ALA A 380 1.84 -25.95 -4.23
C ALA A 380 1.39 -25.72 -5.67
N ALA A 381 0.86 -26.77 -6.31
CA ALA A 381 0.35 -26.62 -7.67
C ALA A 381 -0.83 -25.65 -7.70
N ALA A 382 -1.74 -25.77 -6.73
CA ALA A 382 -2.85 -24.83 -6.64
C ALA A 382 -2.35 -23.42 -6.33
N TYR A 383 -1.33 -23.32 -5.48
CA TYR A 383 -0.75 -22.01 -5.16
C TYR A 383 -0.14 -21.36 -6.40
N ALA A 384 0.51 -22.15 -7.25
CA ALA A 384 1.18 -21.63 -8.43
C ALA A 384 0.20 -21.32 -9.56
N EFC A 385 -1.09 -21.37 -9.26
CA EFC A 385 -2.12 -21.09 -10.26
CB EFC A 385 -3.25 -22.11 -10.15
SG EFC A 385 -2.80 -23.58 -11.09
SD EFC A 385 -4.52 -24.54 -11.85
C1 EFC A 385 -5.05 -23.74 -13.39
C2 EFC A 385 -4.40 -22.37 -13.54
F2 EFC A 385 -3.06 -22.49 -13.46
C EFC A 385 -2.64 -19.66 -10.06
O EFC A 385 -2.97 -19.02 -11.00
N ILE A 386 -2.71 -19.22 -8.82
CA ILE A 386 -3.14 -17.86 -8.52
C ILE A 386 -2.02 -16.88 -8.88
N LEU A 387 -0.77 -17.33 -8.73
CA LEU A 387 0.36 -16.47 -9.08
C LEU A 387 0.39 -16.18 -10.58
N GLY A 388 -0.31 -16.98 -11.38
CA GLY A 388 -0.42 -16.66 -12.79
C GLY A 388 -1.13 -15.35 -13.05
N ILE A 389 -2.12 -15.03 -12.21
CA ILE A 389 -2.86 -13.77 -12.32
C ILE A 389 -2.58 -12.83 -11.15
N ASP A 390 -1.46 -13.05 -10.44
CA ASP A 390 -1.16 -12.23 -9.26
C ASP A 390 -0.95 -10.77 -9.65
N ALA A 391 -0.23 -10.54 -10.74
CA ALA A 391 0.08 -9.17 -11.17
C ALA A 391 -1.16 -8.37 -11.47
N ILE A 392 -2.14 -8.99 -12.14
CA ILE A 392 -3.38 -8.29 -12.45
C ILE A 392 -4.15 -7.97 -11.16
N LEU A 393 -4.21 -8.93 -10.24
CA LEU A 393 -4.85 -8.67 -8.95
C LEU A 393 -4.05 -7.69 -8.12
N ASP A 394 -2.73 -7.64 -8.33
CA ASP A 394 -1.89 -6.71 -7.57
C ASP A 394 -2.25 -5.27 -7.89
N ARG A 395 -2.62 -4.98 -9.14
CA ARG A 395 -2.94 -3.61 -9.54
C ARG A 395 -4.12 -3.06 -8.74
N GLY A 396 -5.18 -3.86 -8.58
CA GLY A 396 -6.32 -3.41 -7.81
C GLY A 396 -6.15 -3.55 -6.32
N ARG A 397 -5.28 -4.45 -5.89
CA ARG A 397 -5.07 -4.66 -4.45
C ARG A 397 -4.46 -3.44 -3.80
N THR A 398 -3.51 -2.78 -4.48
CA THR A 398 -2.82 -1.64 -3.89
C THR A 398 -3.73 -0.44 -3.72
N MET A 399 -4.72 -0.28 -4.61
CA MET A 399 -5.61 0.88 -4.53
C MET A 399 -6.36 0.93 -3.21
N VAL A 400 -6.83 -0.23 -2.74
CA VAL A 400 -7.57 -0.27 -1.47
C VAL A 400 -6.65 0.07 -0.31
N ASN A 401 -5.39 -0.38 -0.37
CA ASN A 401 -4.46 -0.14 0.73
C ASN A 401 -4.24 1.36 0.95
N VAL A 402 -4.05 2.11 -0.14
CA VAL A 402 -3.83 3.55 -0.02
C VAL A 402 -5.09 4.25 0.43
N THR A 403 -6.26 3.80 -0.05
CA THR A 403 -7.51 4.44 0.31
C THR A 403 -7.78 4.32 1.81
N GLY A 404 -7.47 3.17 2.40
CA GLY A 404 -7.66 3.00 3.83
C GLY A 404 -6.78 3.94 4.65
N ASP A 405 -5.59 4.25 4.15
CA ASP A 405 -4.69 5.17 4.86
C ASP A 405 -5.27 6.57 4.89
N LEU A 406 -5.76 7.06 3.74
CA LEU A 406 -6.27 8.41 3.66
C LEU A 406 -7.58 8.56 4.44
N THR A 407 -8.44 7.54 4.40
CA THR A 407 -9.71 7.62 5.11
C THR A 407 -9.50 7.74 6.62
N GLY A 408 -8.56 6.97 7.17
CA GLY A 408 -8.28 7.04 8.58
C GLY A 408 -7.69 8.38 9.01
N THR A 409 -6.88 8.99 8.15
CA THR A 409 -6.28 10.28 8.47
C THR A 409 -7.34 11.36 8.64
N ALA A 410 -8.35 11.36 7.77
CA ALA A 410 -9.42 12.36 7.87
C ALA A 410 -10.23 12.18 9.14
N ILE A 411 -10.50 10.93 9.53
CA ILE A 411 -11.31 10.68 10.72
C ILE A 411 -10.61 11.20 11.96
N VAL A 412 -9.31 10.93 12.08
CA VAL A 412 -8.56 11.41 13.24
C VAL A 412 -8.42 12.93 13.19
N ALA A 413 -8.23 13.48 12.00
CA ALA A 413 -8.10 14.93 11.87
C ALA A 413 -9.37 15.65 12.30
N LYS A 414 -10.53 15.11 11.92
CA LYS A 414 -11.80 15.72 12.34
C LYS A 414 -11.96 15.67 13.85
N THR A 415 -11.61 14.54 14.47
CA THR A 415 -11.67 14.43 15.91
C THR A 415 -10.66 15.33 16.61
N GLU A 416 -9.59 15.71 15.92
CA GLU A 416 -8.58 16.56 16.53
C GLU A 416 -9.14 17.92 16.90
N GLY A 417 -9.95 18.51 16.03
CA GLY A 417 -10.55 19.81 16.29
C GLY A 417 -9.72 20.96 15.76
C2 TB1 B . 5.32 -5.95 -1.23
C5 TB1 B . 6.55 -5.86 -0.59
C8 TB1 B . 6.64 -6.11 0.77
C6 TB1 B . 5.52 -6.46 1.48
C3 TB1 B . 4.28 -6.56 0.84
C1 TB1 B . 4.19 -6.31 -0.51
C4 TB1 B . 2.84 -6.41 -1.21
O2 TB1 B . 1.95 -5.47 -0.66
C11 TB1 B . 0.78 -5.23 -1.39
C9 TB1 B . 0.28 -6.49 -2.10
O5 TB1 B . -0.12 -7.47 -1.43
O1 TB1 B . 0.28 -6.55 -3.35
C7 TB1 B . 1.01 -4.11 -2.40
C10 TB1 B . 2.00 -3.08 -1.84
O4 TB1 B . 1.80 -2.57 -0.71
O3 TB1 B . 3.02 -2.76 -2.51
N TB1 B . 1.52 -4.66 -3.64
NA NA C . -2.83 0.97 3.91
NA NA D . -6.62 -0.94 8.57
#